data_3CPJ
#
_entry.id   3CPJ
#
_cell.length_a   65.940
_cell.length_b   61.430
_cell.length_c   92.750
_cell.angle_alpha   90.00
_cell.angle_beta   103.68
_cell.angle_gamma   90.00
#
_symmetry.space_group_name_H-M   'P 1 21 1'
#
loop_
_entity.id
_entity.type
_entity.pdbx_description
1 polymer 'Rab GDP-dissociation inhibitor'
2 polymer 'GTP-binding protein YPT31/YPT8'
3 non-polymer 'CHLORIDE ION'
4 non-polymer 'MAGNESIUM ION'
5 non-polymer "GUANOSINE-5'-DIPHOSPHATE"
6 water water
#
loop_
_entity_poly.entity_id
_entity_poly.type
_entity_poly.pdbx_seq_one_letter_code
_entity_poly.pdbx_strand_id
1 'polypeptide(L)'
;MDQETIDTDYDVIVLGTGITECILSGLLSVDGKKVLHIDKQDHYGGEAASVTLSQLYEKFKQNPISKEERESKFGKDRDW
NVDLIPKFLMANGELTNILIHTDVTRYVDFKQVSGSYVFKQGKIYKVPANEIEAISSPLMGIFEKRRMKKFLEWISSYKE
DDLSTHQGLDLDKNTMDEVYYKFGLGNSTKEFIGHAMALWTNDDYLQQPARPSFERILLYCQSVARYGKSPYLYPMYGLG
ELPQGFARLSAIYGGTYMLDTPIDEVLYKKDTGKFEGVKTKLGTFKAPLVIADPTYFPEKCKSTGQRVIRAICILNHPVP
NTSNADSLQIIIPQSQLGRKSDIYVAIVSDAHNVCSKGHYLAIISTIIETDKPHIELEPAFKLLGPIEEKFMGIAELFEP
REDGSKDNIYLSRSYDASSHFESMTDDVKDIYFRVTGHPLVLKQRQEQEKQ
;
G
2 'polypeptide(L)'
;MSSEDYGYDYDLLFKIVLIGDSGVGKSNLLSRFTKNEFNMDSKSTIGVEFATRTLEIEGKRIKAQIWDTAGQERYRAITS
AYYRGAVGALIVYDISKSSSYENCNHWLSELRENADDNVAVGLIGNKSDLAHLRAVPTEESKTFAQENQLLFTETSALNS
ENVDKAFEELINTIYQKVSKHQMDLGDSSANGNANGASAPNGPTISLTPTPNENKKANGNNCC
;
B
#
# COMPACT_ATOMS: atom_id res chain seq x y z
N ILE A 6 -10.12 23.62 -10.41
CA ILE A 6 -9.95 25.02 -10.91
C ILE A 6 -9.16 25.89 -9.91
N ASP A 7 -9.14 25.49 -8.63
CA ASP A 7 -8.37 26.18 -7.60
C ASP A 7 -6.88 26.19 -7.93
N THR A 8 -6.19 27.24 -7.51
CA THR A 8 -4.80 27.42 -7.91
C THR A 8 -3.85 27.61 -6.72
N ASP A 9 -4.41 27.99 -5.57
CA ASP A 9 -3.62 28.29 -4.39
C ASP A 9 -3.97 27.33 -3.25
N TYR A 10 -2.94 26.70 -2.69
CA TYR A 10 -3.07 25.64 -1.71
C TYR A 10 -2.08 25.89 -0.57
N ASP A 11 -2.29 25.25 0.58
CA ASP A 11 -1.31 25.28 1.68
C ASP A 11 -0.13 24.37 1.39
N VAL A 12 -0.41 23.22 0.74
CA VAL A 12 0.60 22.21 0.47
C VAL A 12 0.40 21.65 -0.92
N ILE A 13 1.50 21.53 -1.66
CA ILE A 13 1.54 20.73 -2.88
C ILE A 13 2.38 19.47 -2.60
N VAL A 14 1.83 18.31 -2.95
CA VAL A 14 2.56 17.04 -2.84
C VAL A 14 2.76 16.43 -4.23
N LEU A 15 3.97 15.92 -4.48
CA LEU A 15 4.31 15.31 -5.76
C LEU A 15 4.71 13.84 -5.57
N GLY A 16 4.04 12.97 -6.33
CA GLY A 16 4.27 11.53 -6.26
C GLY A 16 3.31 10.89 -5.28
N THR A 17 2.72 9.77 -5.66
CA THR A 17 1.79 9.09 -4.75
C THR A 17 2.36 7.81 -4.12
N GLY A 18 3.65 7.86 -3.77
CA GLY A 18 4.24 6.86 -2.90
C GLY A 18 3.58 6.91 -1.53
N ILE A 19 3.69 5.81 -0.78
CA ILE A 19 3.15 5.70 0.58
C ILE A 19 3.52 6.87 1.50
N THR A 20 4.80 7.25 1.50
CA THR A 20 5.28 8.40 2.31
C THR A 20 4.47 9.69 2.06
N GLU A 21 4.32 10.05 0.78
CA GLU A 21 3.59 11.24 0.37
C GLU A 21 2.10 11.19 0.70
N CYS A 22 1.49 10.02 0.49
CA CYS A 22 0.05 9.87 0.69
C CYS A 22 -0.32 9.92 2.17
N ILE A 23 0.53 9.33 3.01
CA ILE A 23 0.35 9.40 4.46
C ILE A 23 0.39 10.87 4.91
N LEU A 24 1.42 11.60 4.49
CA LEU A 24 1.56 13.02 4.81
C LEU A 24 0.38 13.84 4.29
N SER A 25 -0.03 13.57 3.04
CA SER A 25 -1.22 14.18 2.44
C SER A 25 -2.48 13.98 3.31
N GLY A 26 -2.75 12.71 3.63
CA GLY A 26 -3.87 12.32 4.48
C GLY A 26 -3.83 12.98 5.85
N LEU A 27 -2.65 12.98 6.47
CA LEU A 27 -2.44 13.67 7.75
C LEU A 27 -2.67 15.19 7.67
N LEU A 28 -2.18 15.82 6.61
CA LEU A 28 -2.29 17.29 6.47
C LEU A 28 -3.71 17.74 6.16
N SER A 29 -4.40 16.97 5.33
CA SER A 29 -5.81 17.21 5.03
C SER A 29 -6.67 17.07 6.29
N VAL A 30 -6.47 15.99 7.03
CA VAL A 30 -7.11 15.80 8.33
C VAL A 30 -6.83 17.00 9.26
N ASP A 31 -5.59 17.49 9.26
CA ASP A 31 -5.18 18.70 10.02
C ASP A 31 -5.93 19.98 9.62
N GLY A 32 -6.62 19.95 8.48
CA GLY A 32 -7.34 21.10 7.97
C GLY A 32 -6.58 21.93 6.95
N LYS A 33 -5.49 21.38 6.44
CA LYS A 33 -4.74 22.05 5.36
C LYS A 33 -5.36 21.73 4.01
N LYS A 34 -5.23 22.67 3.08
CA LYS A 34 -5.64 22.48 1.70
C LYS A 34 -4.47 21.88 0.91
N VAL A 35 -4.63 20.63 0.52
CA VAL A 35 -3.56 19.88 -0.11
C VAL A 35 -3.88 19.60 -1.58
N LEU A 36 -2.92 19.91 -2.45
CA LEU A 36 -2.97 19.46 -3.83
C LEU A 36 -1.90 18.37 -4.00
N HIS A 37 -2.33 17.21 -4.48
CA HIS A 37 -1.43 16.08 -4.64
C HIS A 37 -1.40 15.67 -6.11
N ILE A 38 -0.21 15.76 -6.71
CA ILE A 38 -0.02 15.50 -8.12
C ILE A 38 0.89 14.28 -8.37
N ASP A 39 0.55 13.49 -9.37
CA ASP A 39 1.41 12.44 -9.88
C ASP A 39 1.48 12.49 -11.41
N LYS A 40 2.71 12.51 -11.92
CA LYS A 40 2.95 12.45 -13.37
C LYS A 40 2.59 11.10 -13.99
N GLN A 41 2.34 10.09 -13.15
CA GLN A 41 2.01 8.74 -13.60
C GLN A 41 0.51 8.51 -13.53
N ASP A 42 0.03 7.55 -14.32
CA ASP A 42 -1.41 7.27 -14.48
C ASP A 42 -2.01 6.31 -13.43
N HIS A 43 -1.27 6.07 -12.36
CA HIS A 43 -1.70 5.14 -11.32
C HIS A 43 -1.06 5.59 -10.02
N TYR A 44 -1.60 5.11 -8.91
CA TYR A 44 -1.09 5.42 -7.58
C TYR A 44 0.02 4.45 -7.16
N GLY A 45 0.88 4.91 -6.25
CA GLY A 45 1.89 4.05 -5.62
C GLY A 45 3.33 4.53 -5.71
N GLY A 46 3.64 5.30 -6.75
CA GLY A 46 5.00 5.79 -6.95
C GLY A 46 5.97 4.63 -7.17
N GLU A 47 7.12 4.67 -6.51
CA GLU A 47 8.14 3.64 -6.71
C GLU A 47 7.77 2.31 -6.07
N ALA A 48 6.80 2.32 -5.17
CA ALA A 48 6.41 1.12 -4.43
C ALA A 48 4.97 0.67 -4.70
N ALA A 49 4.51 0.87 -5.94
CA ALA A 49 3.20 0.41 -6.37
C ALA A 49 3.16 -1.11 -6.61
N SER A 50 1.94 -1.64 -6.67
CA SER A 50 1.72 -3.01 -7.12
C SER A 50 1.15 -2.95 -8.53
N VAL A 51 1.70 -3.76 -9.43
CA VAL A 51 1.37 -3.68 -10.85
C VAL A 51 0.89 -5.00 -11.46
N THR A 52 0.35 -4.91 -12.66
CA THR A 52 -0.12 -6.10 -13.39
C THR A 52 1.06 -6.88 -13.96
N LEU A 53 0.80 -8.13 -14.31
CA LEU A 53 1.79 -8.99 -14.96
C LEU A 53 2.32 -8.43 -16.28
N SER A 54 1.45 -7.85 -17.11
CA SER A 54 1.88 -7.25 -18.38
C SER A 54 2.74 -6.00 -18.16
N GLN A 55 2.39 -5.20 -17.14
CA GLN A 55 3.25 -4.08 -16.70
C GLN A 55 4.66 -4.55 -16.29
N LEU A 56 4.75 -5.70 -15.63
CA LEU A 56 6.04 -6.29 -15.25
C LEU A 56 6.92 -6.55 -16.47
N TYR A 57 6.31 -7.12 -17.51
CA TYR A 57 6.98 -7.35 -18.78
C TYR A 57 7.43 -6.04 -19.43
N GLU A 58 6.55 -5.03 -19.43
CA GLU A 58 6.87 -3.68 -19.91
C GLU A 58 8.12 -3.12 -19.22
N LYS A 59 8.13 -3.15 -17.88
CA LYS A 59 9.22 -2.58 -17.06
C LYS A 59 10.54 -3.36 -17.08
N PHE A 60 10.47 -4.69 -17.07
CA PHE A 60 11.67 -5.49 -16.84
C PHE A 60 12.09 -6.43 -17.98
N LYS A 61 11.26 -6.57 -19.00
CA LYS A 61 11.55 -7.50 -20.10
C LYS A 61 11.78 -6.84 -21.46
N GLN A 62 12.61 -7.49 -22.29
CA GLN A 62 13.01 -6.98 -23.61
C GLN A 62 11.82 -6.83 -24.56
N ASN A 63 11.05 -7.91 -24.71
CA ASN A 63 9.77 -7.88 -25.42
C ASN A 63 8.64 -8.37 -24.52
N PRO A 64 7.39 -8.03 -24.87
CA PRO A 64 6.26 -8.64 -24.18
C PRO A 64 6.14 -10.15 -24.45
N ILE A 65 5.16 -10.75 -23.81
CA ILE A 65 4.93 -12.17 -23.90
C ILE A 65 3.67 -12.35 -24.77
N SER A 66 3.63 -13.42 -25.56
CA SER A 66 2.46 -13.71 -26.39
C SER A 66 1.21 -13.90 -25.53
N LYS A 67 0.05 -13.59 -26.10
CA LYS A 67 -1.20 -13.67 -25.37
C LYS A 67 -1.44 -15.08 -24.84
N GLU A 68 -1.21 -16.08 -25.67
CA GLU A 68 -1.45 -17.47 -25.29
C GLU A 68 -0.44 -18.03 -24.28
N GLU A 69 0.79 -17.52 -24.28
CA GLU A 69 1.77 -17.95 -23.29
C GLU A 69 1.41 -17.41 -21.91
N ARG A 70 1.06 -16.12 -21.85
CA ARG A 70 0.66 -15.50 -20.59
C ARG A 70 -0.68 -16.03 -20.09
N GLU A 71 -1.59 -16.34 -21.01
CA GLU A 71 -2.90 -16.88 -20.68
C GLU A 71 -2.82 -18.29 -20.08
N SER A 72 -2.02 -19.15 -20.72
CA SER A 72 -1.88 -20.55 -20.30
C SER A 72 -1.07 -20.68 -19.02
N LYS A 73 -0.12 -19.76 -18.83
CA LYS A 73 0.79 -19.83 -17.69
C LYS A 73 0.33 -19.01 -16.51
N PHE A 74 -0.33 -17.87 -16.75
CA PHE A 74 -0.55 -16.90 -15.70
C PHE A 74 -1.98 -16.41 -15.52
N GLY A 75 -2.88 -16.80 -16.41
CA GLY A 75 -4.27 -16.38 -16.33
C GLY A 75 -4.48 -14.90 -16.63
N LYS A 76 -5.49 -14.30 -16.00
CA LYS A 76 -5.90 -12.95 -16.34
C LYS A 76 -5.12 -11.86 -15.59
N ASP A 77 -4.74 -10.82 -16.32
CA ASP A 77 -3.98 -9.67 -15.82
C ASP A 77 -4.64 -8.98 -14.61
N ARG A 78 -5.96 -9.07 -14.50
CA ARG A 78 -6.73 -8.48 -13.38
C ARG A 78 -6.46 -9.18 -12.04
N ASP A 79 -5.99 -10.42 -12.10
CA ASP A 79 -5.65 -11.20 -10.90
C ASP A 79 -4.27 -10.83 -10.33
N TRP A 80 -3.51 -10.02 -11.05
CA TRP A 80 -2.13 -9.73 -10.67
C TRP A 80 -1.93 -8.33 -10.09
N ASN A 81 -1.46 -8.29 -8.84
CA ASN A 81 -1.10 -7.03 -8.16
C ASN A 81 0.28 -7.22 -7.53
N VAL A 82 1.32 -6.95 -8.31
CA VAL A 82 2.67 -7.36 -7.95
C VAL A 82 3.50 -6.18 -7.42
N ASP A 83 3.91 -6.29 -6.14
CA ASP A 83 4.75 -5.29 -5.47
C ASP A 83 6.06 -5.07 -6.22
N LEU A 84 6.38 -3.81 -6.47
CA LEU A 84 7.69 -3.46 -7.05
C LEU A 84 8.76 -3.43 -5.94
N ILE A 85 8.36 -3.06 -4.73
CA ILE A 85 9.26 -3.07 -3.58
C ILE A 85 8.64 -3.92 -2.46
N PRO A 86 9.31 -5.03 -2.09
CA PRO A 86 8.80 -5.94 -1.07
C PRO A 86 8.94 -5.35 0.33
N LYS A 87 7.83 -5.36 1.09
CA LYS A 87 7.75 -4.91 2.47
C LYS A 87 6.62 -5.67 3.17
N PHE A 88 6.81 -6.02 4.44
CA PHE A 88 5.69 -6.41 5.30
C PHE A 88 5.45 -5.31 6.34
N LEU A 89 4.35 -5.42 7.06
CA LEU A 89 4.10 -4.53 8.19
C LEU A 89 4.33 -5.30 9.47
N MET A 90 5.10 -4.71 10.38
CA MET A 90 5.19 -5.18 11.75
C MET A 90 3.82 -4.99 12.39
N ALA A 91 3.36 -6.03 13.09
CA ALA A 91 2.03 -6.08 13.68
C ALA A 91 1.82 -5.07 14.80
N ASN A 92 2.92 -4.67 15.46
CA ASN A 92 2.88 -3.64 16.50
C ASN A 92 3.69 -2.42 16.08
N GLY A 93 3.95 -2.33 14.78
CA GLY A 93 4.75 -1.26 14.19
C GLY A 93 3.97 0.04 14.10
N GLU A 94 4.66 1.10 13.72
CA GLU A 94 4.07 2.43 13.65
C GLU A 94 3.06 2.65 12.52
N LEU A 95 3.22 1.93 11.41
CA LEU A 95 2.27 2.01 10.32
C LEU A 95 0.90 1.47 10.75
N THR A 96 0.89 0.32 11.44
CA THR A 96 -0.39 -0.21 11.94
C THR A 96 -1.06 0.81 12.88
N ASN A 97 -0.24 1.44 13.72
CA ASN A 97 -0.71 2.50 14.61
C ASN A 97 -1.34 3.69 13.86
N ILE A 98 -0.73 4.09 12.75
CA ILE A 98 -1.27 5.17 11.92
C ILE A 98 -2.56 4.74 11.20
N LEU A 99 -2.57 3.49 10.72
CA LEU A 99 -3.77 2.91 10.09
C LEU A 99 -4.97 2.86 11.03
N ILE A 100 -4.73 2.51 12.28
CA ILE A 100 -5.78 2.47 13.30
C ILE A 100 -6.33 3.87 13.61
N HIS A 101 -5.45 4.82 13.87
CA HIS A 101 -5.83 6.17 14.30
C HIS A 101 -6.55 6.95 13.22
N THR A 102 -6.11 6.78 11.98
CA THR A 102 -6.68 7.50 10.84
C THR A 102 -7.82 6.71 10.22
N ASP A 103 -8.01 5.47 10.69
CA ASP A 103 -9.10 4.60 10.25
C ASP A 103 -8.99 4.23 8.77
N VAL A 104 -7.78 4.22 8.24
CA VAL A 104 -7.52 3.78 6.85
C VAL A 104 -7.71 2.27 6.75
N THR A 105 -7.71 1.61 7.91
CA THR A 105 -8.13 0.21 8.03
C THR A 105 -9.47 -0.05 7.34
N ARG A 106 -10.21 1.03 7.12
CA ARG A 106 -11.49 1.00 6.41
C ARG A 106 -11.31 0.65 4.93
N TYR A 107 -10.14 0.98 4.39
CA TYR A 107 -9.90 0.83 2.96
C TYR A 107 -9.00 -0.36 2.60
N VAL A 108 -8.50 -1.06 3.62
CA VAL A 108 -7.52 -2.12 3.39
C VAL A 108 -7.75 -3.28 4.35
N ASP A 109 -7.80 -4.49 3.79
CA ASP A 109 -7.80 -5.71 4.62
C ASP A 109 -6.42 -6.36 4.68
N PHE A 110 -6.17 -7.10 5.76
CA PHE A 110 -4.86 -7.70 6.03
C PHE A 110 -4.98 -9.16 6.40
N LYS A 111 -3.92 -9.90 6.13
CA LYS A 111 -3.76 -11.25 6.66
C LYS A 111 -2.39 -11.35 7.31
N GLN A 112 -2.24 -12.32 8.20
CA GLN A 112 -0.96 -12.59 8.81
C GLN A 112 -0.09 -13.42 7.88
N VAL A 113 1.16 -13.02 7.75
CA VAL A 113 2.20 -13.84 7.16
C VAL A 113 2.39 -15.13 8.00
N SER A 114 2.48 -16.28 7.34
CA SER A 114 2.48 -17.58 8.03
C SER A 114 3.64 -17.78 8.99
N GLY A 115 4.81 -17.28 8.61
CA GLY A 115 5.98 -17.36 9.47
C GLY A 115 7.17 -16.64 8.89
N SER A 116 8.25 -16.65 9.65
CA SER A 116 9.55 -16.15 9.21
C SER A 116 10.54 -17.31 9.28
N TYR A 117 11.44 -17.36 8.32
CA TYR A 117 12.40 -18.46 8.20
C TYR A 117 13.80 -17.87 8.08
N VAL A 118 14.75 -18.56 8.69
CA VAL A 118 16.13 -18.12 8.66
C VAL A 118 17.03 -19.20 8.05
N PHE A 119 17.91 -18.79 7.16
CA PHE A 119 18.84 -19.65 6.44
C PHE A 119 20.07 -19.95 7.29
N LYS A 120 20.45 -21.23 7.35
CA LYS A 120 21.62 -21.65 8.12
C LYS A 120 22.19 -22.92 7.52
N GLN A 121 23.41 -22.81 6.97
CA GLN A 121 24.14 -23.92 6.35
C GLN A 121 23.36 -24.69 5.27
N GLY A 122 22.78 -23.96 4.33
CA GLY A 122 22.08 -24.56 3.18
C GLY A 122 20.58 -24.76 3.32
N LYS A 123 20.06 -24.77 4.56
CA LYS A 123 18.63 -24.98 4.79
C LYS A 123 17.98 -23.81 5.51
N ILE A 124 16.68 -23.65 5.31
CA ILE A 124 15.90 -22.65 6.05
C ILE A 124 15.18 -23.29 7.23
N TYR A 125 14.92 -22.48 8.26
CA TYR A 125 14.31 -22.95 9.50
C TYR A 125 13.27 -21.94 9.94
N LYS A 126 12.08 -22.42 10.29
CA LYS A 126 11.05 -21.54 10.79
C LYS A 126 11.47 -20.94 12.13
N VAL A 127 11.47 -19.62 12.20
CA VAL A 127 11.66 -18.92 13.47
C VAL A 127 10.49 -19.27 14.38
N PRO A 128 10.80 -19.84 15.56
CA PRO A 128 9.75 -20.23 16.50
C PRO A 128 8.87 -19.05 16.86
N ALA A 129 7.56 -19.26 16.83
CA ALA A 129 6.58 -18.21 17.08
C ALA A 129 6.01 -18.32 18.49
N ASN A 130 6.13 -19.52 19.08
CA ASN A 130 5.64 -19.80 20.42
C ASN A 130 6.52 -20.85 21.10
N GLU A 131 6.18 -21.19 22.35
CA GLU A 131 6.94 -22.15 23.17
C GLU A 131 6.94 -23.57 22.58
N ILE A 132 5.77 -24.06 22.16
CA ILE A 132 5.67 -25.36 21.50
C ILE A 132 6.70 -25.46 20.37
N GLU A 133 6.74 -24.42 19.54
CA GLU A 133 7.69 -24.36 18.42
C GLU A 133 9.13 -24.17 18.89
N ALA A 134 9.32 -23.39 19.96
CA ALA A 134 10.65 -23.13 20.53
C ALA A 134 11.29 -24.41 21.09
N ILE A 135 10.46 -25.28 21.66
CA ILE A 135 10.92 -26.57 22.16
C ILE A 135 11.30 -27.50 20.99
N SER A 136 10.42 -27.61 20.01
CA SER A 136 10.64 -28.52 18.89
C SER A 136 11.78 -28.11 17.95
N SER A 137 12.04 -26.80 17.86
CA SER A 137 12.98 -26.26 16.86
C SER A 137 14.37 -26.93 16.90
N PRO A 138 14.89 -27.32 15.72
CA PRO A 138 16.24 -27.87 15.59
C PRO A 138 17.31 -26.81 15.32
N LEU A 139 16.92 -25.54 15.33
CA LEU A 139 17.84 -24.43 15.14
C LEU A 139 18.96 -24.37 16.16
N MET A 140 18.60 -24.53 17.43
CA MET A 140 19.61 -24.47 18.49
C MET A 140 19.49 -25.61 19.51
N GLY A 141 20.52 -25.76 20.33
CA GLY A 141 20.56 -26.78 21.37
C GLY A 141 19.91 -26.37 22.68
N ILE A 142 19.82 -27.31 23.60
CA ILE A 142 19.13 -27.11 24.88
C ILE A 142 19.70 -25.96 25.72
N PHE A 143 21.03 -25.88 25.81
CA PHE A 143 21.69 -24.82 26.57
C PHE A 143 21.60 -23.47 25.86
N GLU A 144 21.66 -23.49 24.53
CA GLU A 144 21.46 -22.30 23.69
C GLU A 144 20.05 -21.72 23.91
N LYS A 145 19.05 -22.59 23.95
CA LYS A 145 17.67 -22.19 24.18
C LYS A 145 17.47 -21.61 25.57
N ARG A 146 18.10 -22.24 26.57
CA ARG A 146 18.09 -21.74 27.93
C ARG A 146 18.66 -20.34 28.07
N ARG A 147 19.82 -20.11 27.46
CA ARG A 147 20.47 -18.82 27.52
C ARG A 147 19.66 -17.71 26.84
N MET A 148 19.05 -18.04 25.70
CA MET A 148 18.26 -17.06 25.00
C MET A 148 16.94 -16.77 25.69
N LYS A 149 16.38 -17.78 26.34
CA LYS A 149 15.19 -17.59 27.15
C LYS A 149 15.43 -16.52 28.21
N LYS A 150 16.58 -16.61 28.89
CA LYS A 150 16.99 -15.64 29.91
C LYS A 150 17.27 -14.25 29.30
N PHE A 151 17.81 -14.23 28.08
CA PHE A 151 17.99 -12.97 27.35
C PHE A 151 16.64 -12.29 27.03
N LEU A 152 15.69 -13.06 26.50
CA LEU A 152 14.38 -12.51 26.08
C LEU A 152 13.50 -12.13 27.27
N GLU A 153 13.68 -12.83 28.39
CA GLU A 153 13.04 -12.46 29.64
C GLU A 153 13.47 -11.08 30.12
N TRP A 154 14.74 -10.74 29.88
CA TRP A 154 15.26 -9.43 30.21
C TRP A 154 14.68 -8.37 29.27
N ILE A 155 14.58 -8.69 27.98
CA ILE A 155 13.93 -7.83 27.01
C ILE A 155 12.54 -7.39 27.48
N SER A 156 11.77 -8.33 28.04
CA SER A 156 10.40 -8.05 28.41
C SER A 156 10.24 -7.46 29.82
N SER A 157 11.17 -7.78 30.72
CA SER A 157 11.08 -7.30 32.10
C SER A 157 11.83 -5.99 32.33
N TYR A 158 12.67 -5.58 31.37
CA TYR A 158 13.37 -4.31 31.46
C TYR A 158 12.41 -3.11 31.42
N LYS A 159 12.55 -2.21 32.38
CA LYS A 159 11.82 -0.94 32.41
C LYS A 159 12.82 0.22 32.46
N GLU A 160 12.68 1.15 31.52
CA GLU A 160 13.57 2.29 31.36
C GLU A 160 13.79 3.08 32.65
N ASP A 161 12.70 3.46 33.31
CA ASP A 161 12.80 4.37 34.45
C ASP A 161 13.01 3.67 35.79
N ASP A 162 13.10 2.35 35.75
CA ASP A 162 13.32 1.53 36.93
C ASP A 162 14.65 0.78 36.81
N LEU A 163 15.67 1.29 37.48
CA LEU A 163 17.04 0.81 37.33
C LEU A 163 17.28 -0.57 37.91
N SER A 164 16.40 -0.98 38.83
CA SER A 164 16.49 -2.29 39.47
C SER A 164 16.12 -3.44 38.53
N THR A 165 15.55 -3.12 37.37
CA THR A 165 15.17 -4.10 36.34
C THR A 165 16.22 -4.25 35.24
N HIS A 166 17.30 -3.49 35.31
CA HIS A 166 18.27 -3.41 34.20
C HIS A 166 19.34 -4.51 34.22
N GLN A 167 19.41 -5.28 35.31
CA GLN A 167 20.42 -6.34 35.45
C GLN A 167 21.85 -5.84 35.14
N GLY A 168 22.13 -4.59 35.54
CA GLY A 168 23.46 -4.00 35.36
C GLY A 168 23.78 -3.55 33.95
N LEU A 169 22.81 -3.63 33.05
CA LEU A 169 23.05 -3.24 31.66
C LEU A 169 22.57 -1.82 31.40
N ASP A 170 23.25 -1.12 30.50
CA ASP A 170 22.91 0.26 30.17
C ASP A 170 22.76 0.32 28.67
N LEU A 171 21.54 0.57 28.19
CA LEU A 171 21.26 0.61 26.76
C LEU A 171 22.13 1.60 25.98
N ASP A 172 22.53 2.69 26.64
CA ASP A 172 23.28 3.76 26.00
C ASP A 172 24.80 3.58 26.11
N LYS A 173 25.25 2.99 27.21
CA LYS A 173 26.68 2.84 27.47
C LYS A 173 27.27 1.46 27.18
N ASN A 174 26.39 0.45 27.14
CA ASN A 174 26.80 -0.88 26.67
C ASN A 174 26.53 -1.06 25.18
N THR A 175 27.49 -1.67 24.49
CA THR A 175 27.26 -2.14 23.13
C THR A 175 26.39 -3.41 23.18
N MET A 176 25.85 -3.83 22.05
CA MET A 176 25.03 -5.04 22.06
C MET A 176 25.89 -6.30 22.33
N ASP A 177 27.16 -6.27 21.92
CA ASP A 177 28.04 -7.41 22.22
C ASP A 177 28.17 -7.62 23.73
N GLU A 178 28.19 -6.53 24.50
CA GLU A 178 28.29 -6.61 25.95
C GLU A 178 27.00 -7.10 26.58
N VAL A 179 25.86 -6.68 26.01
CA VAL A 179 24.56 -7.24 26.38
C VAL A 179 24.60 -8.75 26.13
N TYR A 180 25.14 -9.15 24.98
CA TYR A 180 25.24 -10.57 24.64
C TYR A 180 26.13 -11.28 25.66
N TYR A 181 27.31 -10.70 25.89
CA TYR A 181 28.31 -11.21 26.82
C TYR A 181 27.75 -11.50 28.21
N LYS A 182 26.93 -10.59 28.71
CA LYS A 182 26.32 -10.73 30.02
C LYS A 182 25.52 -12.03 30.12
N PHE A 183 24.82 -12.38 29.04
CA PHE A 183 23.95 -13.55 29.01
C PHE A 183 24.60 -14.85 28.52
N GLY A 184 25.89 -14.79 28.18
CA GLY A 184 26.69 -15.97 27.78
C GLY A 184 26.45 -16.50 26.37
N LEU A 185 25.97 -15.64 25.48
CA LEU A 185 25.49 -16.05 24.16
C LEU A 185 26.59 -16.35 23.16
N GLY A 186 26.48 -17.52 22.52
CA GLY A 186 27.42 -17.91 21.45
C GLY A 186 27.14 -17.15 20.16
N ASN A 187 28.14 -17.08 19.28
CA ASN A 187 28.06 -16.30 18.02
C ASN A 187 26.86 -16.62 17.15
N SER A 188 26.47 -17.90 17.13
CA SER A 188 25.34 -18.36 16.34
C SER A 188 24.02 -17.87 16.93
N THR A 189 23.98 -17.75 18.26
CA THR A 189 22.80 -17.22 18.94
C THR A 189 22.70 -15.71 18.75
N LYS A 190 23.85 -15.04 18.75
CA LYS A 190 23.94 -13.62 18.38
C LYS A 190 23.39 -13.37 16.97
N GLU A 191 23.73 -14.23 16.01
CA GLU A 191 23.30 -14.04 14.64
C GLU A 191 21.79 -14.17 14.53
N PHE A 192 21.25 -15.24 15.10
CA PHE A 192 19.82 -15.39 15.21
C PHE A 192 19.13 -14.12 15.76
N ILE A 193 19.54 -13.66 16.94
CA ILE A 193 18.89 -12.50 17.58
C ILE A 193 19.03 -11.25 16.71
N GLY A 194 20.24 -11.01 16.22
CA GLY A 194 20.54 -9.79 15.48
C GLY A 194 19.88 -9.71 14.13
N HIS A 195 19.79 -10.86 13.45
CA HIS A 195 19.27 -10.88 12.08
C HIS A 195 17.80 -11.32 12.00
N ALA A 196 17.42 -12.31 12.80
CA ALA A 196 16.06 -12.83 12.75
C ALA A 196 15.05 -12.03 13.59
N MET A 197 15.50 -11.40 14.67
CA MET A 197 14.59 -10.64 15.52
C MET A 197 14.79 -9.15 15.42
N ALA A 198 16.05 -8.71 15.47
CA ALA A 198 16.37 -7.29 15.40
C ALA A 198 16.34 -6.80 13.95
N LEU A 199 16.50 -7.74 13.02
CA LEU A 199 16.43 -7.48 11.58
C LEU A 199 17.49 -6.50 11.09
N TRP A 200 18.69 -6.63 11.66
CA TRP A 200 19.86 -5.91 11.14
C TRP A 200 20.38 -6.69 9.93
N THR A 201 20.94 -6.01 8.94
CA THR A 201 21.40 -6.71 7.74
C THR A 201 22.93 -6.84 7.66
N ASN A 202 23.59 -6.54 8.77
CA ASN A 202 25.01 -6.76 8.94
C ASN A 202 25.29 -6.80 10.44
N ASP A 203 26.53 -7.08 10.83
CA ASP A 203 26.89 -7.20 12.25
C ASP A 203 27.43 -5.91 12.90
N ASP A 204 27.24 -4.77 12.25
CA ASP A 204 27.72 -3.49 12.75
C ASP A 204 27.15 -3.17 14.14
N TYR A 205 25.91 -3.59 14.36
CA TYR A 205 25.19 -3.40 15.61
C TYR A 205 25.93 -3.89 16.86
N LEU A 206 26.77 -4.92 16.68
CA LEU A 206 27.51 -5.56 17.77
C LEU A 206 28.41 -4.59 18.54
N GLN A 207 28.96 -3.62 17.81
CA GLN A 207 29.90 -2.65 18.36
C GLN A 207 29.24 -1.29 18.57
N GLN A 208 27.92 -1.28 18.57
CA GLN A 208 27.17 -0.04 18.74
C GLN A 208 26.35 -0.13 20.02
N PRO A 209 25.99 1.02 20.62
CA PRO A 209 25.10 1.01 21.79
C PRO A 209 23.88 0.11 21.59
N ALA A 210 23.50 -0.59 22.65
CA ALA A 210 22.44 -1.58 22.61
C ALA A 210 21.05 -1.03 22.30
N ARG A 211 20.82 0.24 22.63
CA ARG A 211 19.45 0.79 22.58
C ARG A 211 18.68 0.51 21.27
N PRO A 212 19.27 0.82 20.09
CA PRO A 212 18.55 0.49 18.83
C PRO A 212 18.25 -1.01 18.66
N SER A 213 19.20 -1.88 19.02
CA SER A 213 18.97 -3.34 18.95
C SER A 213 17.86 -3.76 19.89
N PHE A 214 17.90 -3.23 21.12
CA PHE A 214 16.88 -3.47 22.12
C PHE A 214 15.48 -3.09 21.62
N GLU A 215 15.37 -1.91 21.00
CA GLU A 215 14.09 -1.42 20.48
C GLU A 215 13.50 -2.33 19.40
N ARG A 216 14.32 -2.70 18.43
CA ARG A 216 13.95 -3.60 17.34
C ARG A 216 13.53 -4.98 17.82
N ILE A 217 14.28 -5.53 18.79
CA ILE A 217 13.96 -6.84 19.33
C ILE A 217 12.61 -6.82 20.04
N LEU A 218 12.41 -5.82 20.91
CA LEU A 218 11.16 -5.65 21.62
C LEU A 218 9.99 -5.48 20.64
N LEU A 219 10.15 -4.62 19.64
CA LEU A 219 9.15 -4.52 18.56
C LEU A 219 8.84 -5.90 17.95
N TYR A 220 9.88 -6.71 17.71
CA TYR A 220 9.66 -8.08 17.20
C TYR A 220 8.75 -8.86 18.13
N CYS A 221 9.13 -8.90 19.41
CA CYS A 221 8.40 -9.66 20.42
C CYS A 221 6.95 -9.18 20.55
N GLN A 222 6.75 -7.86 20.55
CA GLN A 222 5.41 -7.28 20.65
C GLN A 222 4.56 -7.57 19.42
N SER A 223 5.20 -7.60 18.26
CA SER A 223 4.49 -7.86 17.01
C SER A 223 3.98 -9.28 16.91
N VAL A 224 4.79 -10.24 17.34
CA VAL A 224 4.40 -11.65 17.36
C VAL A 224 3.31 -11.90 18.39
N ALA A 225 3.33 -11.12 19.48
CA ALA A 225 2.37 -11.28 20.56
C ALA A 225 0.98 -10.73 20.23
N ARG A 226 0.92 -9.72 19.36
CA ARG A 226 -0.33 -9.05 19.02
C ARG A 226 -1.44 -9.98 18.54
N TYR A 227 -1.07 -11.00 17.77
CA TYR A 227 -2.03 -11.90 17.14
C TYR A 227 -1.49 -13.33 17.06
N GLY A 228 -0.17 -13.49 17.06
CA GLY A 228 0.48 -14.80 17.01
C GLY A 228 1.17 -15.06 15.67
N LYS A 229 1.65 -16.30 15.50
CA LYS A 229 2.16 -16.82 14.21
C LYS A 229 3.43 -16.15 13.67
N SER A 230 3.33 -14.86 13.37
CA SER A 230 4.49 -14.10 12.91
C SER A 230 4.41 -12.64 13.37
N PRO A 231 5.52 -11.89 13.23
CA PRO A 231 5.47 -10.46 13.51
C PRO A 231 4.78 -9.65 12.41
N TYR A 232 4.35 -10.32 11.33
CA TYR A 232 4.01 -9.61 10.08
C TYR A 232 2.57 -9.70 9.62
N LEU A 233 2.11 -8.62 8.98
CA LEU A 233 0.85 -8.58 8.26
C LEU A 233 1.11 -8.20 6.80
N TYR A 234 0.17 -8.52 5.92
CA TYR A 234 0.26 -8.19 4.50
C TYR A 234 -1.12 -7.83 3.97
N PRO A 235 -1.23 -6.73 3.19
CA PRO A 235 -2.53 -6.27 2.68
C PRO A 235 -3.08 -7.11 1.53
N MET A 236 -4.38 -7.39 1.57
CA MET A 236 -5.07 -7.95 0.43
C MET A 236 -4.97 -7.01 -0.77
N TYR A 237 -4.64 -7.57 -1.93
CA TYR A 237 -4.44 -6.85 -3.21
C TYR A 237 -3.09 -6.11 -3.35
N GLY A 238 -2.19 -6.31 -2.38
CA GLY A 238 -0.82 -5.81 -2.50
C GLY A 238 -0.53 -4.51 -1.79
N LEU A 239 0.75 -4.15 -1.74
CA LEU A 239 1.20 -2.94 -1.04
C LEU A 239 0.63 -1.64 -1.63
N GLY A 240 0.24 -1.68 -2.89
CA GLY A 240 -0.37 -0.52 -3.56
C GLY A 240 -1.66 -0.02 -2.92
N GLU A 241 -2.34 -0.88 -2.15
CA GLU A 241 -3.57 -0.50 -1.44
C GLU A 241 -3.29 0.53 -0.35
N LEU A 242 -2.06 0.54 0.16
CA LEU A 242 -1.71 1.42 1.27
C LEU A 242 -1.74 2.91 0.89
N PRO A 243 -0.90 3.36 -0.09
CA PRO A 243 -0.99 4.78 -0.47
C PRO A 243 -2.41 5.19 -0.92
N GLN A 244 -3.06 4.33 -1.69
CA GLN A 244 -4.44 4.59 -2.14
C GLN A 244 -5.41 4.78 -0.98
N GLY A 245 -5.24 4.00 0.08
CA GLY A 245 -5.99 4.18 1.33
C GLY A 245 -5.85 5.56 1.92
N PHE A 246 -4.61 6.03 2.07
CA PHE A 246 -4.34 7.36 2.63
C PHE A 246 -4.72 8.51 1.69
N ALA A 247 -4.56 8.30 0.39
CA ALA A 247 -5.00 9.25 -0.63
C ALA A 247 -6.50 9.49 -0.49
N ARG A 248 -7.26 8.40 -0.43
CA ARG A 248 -8.69 8.45 -0.18
C ARG A 248 -9.04 9.23 1.11
N LEU A 249 -8.29 9.00 2.18
CA LEU A 249 -8.41 9.79 3.41
C LEU A 249 -8.22 11.30 3.14
N SER A 250 -7.19 11.63 2.37
CA SER A 250 -6.93 13.01 1.99
C SER A 250 -8.11 13.63 1.22
N ALA A 251 -8.57 12.94 0.17
CA ALA A 251 -9.67 13.43 -0.66
C ALA A 251 -10.94 13.69 0.16
N ILE A 252 -11.30 12.74 1.03
CA ILE A 252 -12.44 12.88 1.93
C ILE A 252 -12.32 14.13 2.80
N TYR A 253 -11.09 14.43 3.22
CA TYR A 253 -10.83 15.59 4.06
C TYR A 253 -10.46 16.83 3.25
N GLY A 254 -10.78 16.80 1.95
CA GLY A 254 -10.70 17.97 1.11
C GLY A 254 -9.49 18.07 0.20
N GLY A 255 -8.63 17.05 0.21
CA GLY A 255 -7.48 16.99 -0.68
C GLY A 255 -7.88 16.84 -2.14
N THR A 256 -7.14 17.49 -3.03
CA THR A 256 -7.38 17.42 -4.46
C THR A 256 -6.27 16.62 -5.11
N TYR A 257 -6.64 15.73 -6.02
CA TYR A 257 -5.74 14.75 -6.63
C TYR A 257 -5.69 14.85 -8.16
N MET A 258 -4.48 14.83 -8.71
CA MET A 258 -4.27 14.86 -10.16
C MET A 258 -3.32 13.74 -10.56
N LEU A 259 -3.82 12.75 -11.28
CA LEU A 259 -2.97 11.70 -11.83
C LEU A 259 -2.59 12.06 -13.25
N ASP A 260 -1.59 11.35 -13.78
CA ASP A 260 -1.19 11.46 -15.19
C ASP A 260 -0.91 12.93 -15.54
N THR A 261 -0.38 13.66 -14.57
CA THR A 261 -0.11 15.09 -14.72
C THR A 261 1.37 15.40 -14.42
N PRO A 262 2.22 15.36 -15.46
CA PRO A 262 3.62 15.74 -15.31
C PRO A 262 3.82 17.18 -14.83
N ILE A 263 4.98 17.44 -14.25
CA ILE A 263 5.35 18.79 -13.84
C ILE A 263 6.15 19.40 -14.97
N ASP A 264 5.55 20.38 -15.65
CA ASP A 264 6.21 21.06 -16.76
C ASP A 264 7.38 21.91 -16.25
N GLU A 265 7.21 22.51 -15.07
CA GLU A 265 8.19 23.41 -14.49
C GLU A 265 7.91 23.64 -12.99
N VAL A 266 8.96 23.62 -12.18
CA VAL A 266 8.85 24.09 -10.80
C VAL A 266 9.15 25.59 -10.79
N LEU A 267 8.27 26.35 -10.16
CA LEU A 267 8.47 27.79 -9.98
C LEU A 267 9.15 28.06 -8.66
N TYR A 268 10.09 29.01 -8.69
CA TYR A 268 10.89 29.39 -7.53
C TYR A 268 10.80 30.89 -7.30
N LYS A 269 10.85 31.30 -6.04
CA LYS A 269 10.85 32.71 -5.69
C LYS A 269 12.08 33.41 -6.25
N LYS A 270 11.80 34.51 -6.94
CA LYS A 270 12.79 35.32 -7.68
C LYS A 270 14.25 35.17 -7.23
N ASP A 271 14.55 35.50 -5.96
CA ASP A 271 15.95 35.58 -5.51
C ASP A 271 16.35 34.59 -4.40
N THR A 272 15.40 33.84 -3.85
CA THR A 272 15.69 32.96 -2.70
C THR A 272 15.90 31.49 -3.07
N GLY A 273 15.37 31.08 -4.21
CA GLY A 273 15.37 29.66 -4.59
C GLY A 273 14.25 28.88 -3.92
N LYS A 274 13.42 29.58 -3.14
CA LYS A 274 12.31 28.95 -2.43
C LYS A 274 11.15 28.58 -3.34
N PHE A 275 10.57 27.41 -3.08
CA PHE A 275 9.36 26.94 -3.77
C PHE A 275 8.25 28.00 -3.86
N GLU A 276 7.65 28.08 -5.06
CA GLU A 276 6.55 28.98 -5.33
C GLU A 276 5.35 28.22 -5.89
N GLY A 277 5.62 27.23 -6.74
CA GLY A 277 4.55 26.45 -7.36
C GLY A 277 5.01 25.62 -8.53
N VAL A 278 4.05 25.04 -9.24
CA VAL A 278 4.33 24.19 -10.41
C VAL A 278 3.45 24.59 -11.60
N LYS A 279 3.98 24.40 -12.81
CA LYS A 279 3.20 24.54 -14.04
C LYS A 279 2.85 23.15 -14.57
N THR A 280 1.58 22.96 -14.91
CA THR A 280 1.11 21.71 -15.48
C THR A 280 0.23 21.96 -16.72
N LYS A 281 -0.14 20.88 -17.40
CA LYS A 281 -1.09 20.96 -18.53
C LYS A 281 -2.47 21.39 -18.06
N LEU A 282 -2.72 21.25 -16.76
CA LEU A 282 -4.00 21.61 -16.14
C LEU A 282 -3.97 23.02 -15.58
N GLY A 283 -2.79 23.65 -15.63
CA GLY A 283 -2.62 24.99 -15.09
C GLY A 283 -1.49 25.13 -14.09
N THR A 284 -1.39 26.33 -13.52
CA THR A 284 -0.36 26.67 -12.55
C THR A 284 -0.96 26.62 -11.15
N PHE A 285 -0.24 25.98 -10.23
CA PHE A 285 -0.72 25.84 -8.87
C PHE A 285 0.37 26.25 -7.88
N LYS A 286 -0.03 26.95 -6.82
CA LYS A 286 0.91 27.60 -5.92
C LYS A 286 0.68 27.22 -4.46
N ALA A 287 1.79 27.12 -3.72
CA ALA A 287 1.78 26.75 -2.32
C ALA A 287 3.07 27.26 -1.70
N PRO A 288 3.03 27.66 -0.40
CA PRO A 288 4.26 28.06 0.29
C PRO A 288 5.34 26.97 0.39
N LEU A 289 4.95 25.70 0.26
CA LEU A 289 5.87 24.56 0.38
C LEU A 289 5.42 23.33 -0.42
N VAL A 290 6.36 22.43 -0.66
CA VAL A 290 6.13 21.21 -1.41
C VAL A 290 6.70 19.96 -0.68
N ILE A 291 5.99 18.85 -0.80
CA ILE A 291 6.51 17.55 -0.37
C ILE A 291 6.61 16.68 -1.61
N ALA A 292 7.76 16.06 -1.82
CA ALA A 292 7.99 15.27 -3.04
C ALA A 292 8.95 14.11 -2.81
N ASP A 293 8.86 13.09 -3.68
CA ASP A 293 9.91 12.08 -3.74
C ASP A 293 11.07 12.58 -4.61
N PRO A 294 12.26 11.96 -4.47
CA PRO A 294 13.46 12.34 -5.19
C PRO A 294 13.35 12.47 -6.71
N THR A 295 12.43 11.73 -7.34
CA THR A 295 12.35 11.76 -8.81
C THR A 295 11.94 13.15 -9.34
N TYR A 296 11.29 13.95 -8.51
CA TYR A 296 10.81 15.29 -8.91
C TYR A 296 11.84 16.40 -8.71
N PHE A 297 12.83 16.15 -7.85
CA PHE A 297 13.90 17.10 -7.56
C PHE A 297 15.29 16.42 -7.48
N PRO A 298 15.74 15.79 -8.60
CA PRO A 298 17.00 15.03 -8.56
C PRO A 298 18.23 15.83 -8.09
N GLU A 299 18.28 17.13 -8.42
CA GLU A 299 19.40 18.00 -8.02
C GLU A 299 19.48 18.28 -6.52
N LYS A 300 18.39 18.06 -5.82
CA LYS A 300 18.31 18.37 -4.39
C LYS A 300 18.39 17.11 -3.52
N CYS A 301 18.68 15.99 -4.18
CA CYS A 301 18.94 14.72 -3.53
C CYS A 301 20.36 14.27 -3.77
N LYS A 302 20.87 13.48 -2.84
CA LYS A 302 22.17 12.84 -2.96
C LYS A 302 22.02 11.33 -2.83
N SER A 303 22.98 10.59 -3.38
CA SER A 303 23.00 9.13 -3.31
C SER A 303 23.56 8.64 -1.99
N THR A 304 22.86 7.70 -1.36
CA THR A 304 23.35 7.06 -0.11
C THR A 304 24.52 6.09 -0.38
N GLY A 305 24.80 5.80 -1.65
CA GLY A 305 25.93 4.95 -2.04
C GLY A 305 25.50 3.52 -2.33
N GLN A 306 24.23 3.22 -2.08
CA GLN A 306 23.71 1.88 -2.14
C GLN A 306 22.73 1.67 -3.29
N ARG A 307 22.87 0.53 -3.95
CA ARG A 307 21.96 0.08 -4.99
C ARG A 307 21.34 -1.23 -4.55
N VAL A 308 20.04 -1.38 -4.77
CA VAL A 308 19.29 -2.56 -4.33
C VAL A 308 18.74 -3.35 -5.51
N ILE A 309 19.18 -4.60 -5.66
CA ILE A 309 18.55 -5.52 -6.62
C ILE A 309 17.28 -6.14 -6.06
N ARG A 310 16.19 -6.08 -6.83
CA ARG A 310 14.94 -6.75 -6.47
C ARG A 310 14.52 -7.70 -7.60
N ALA A 311 14.45 -8.99 -7.26
CA ALA A 311 14.04 -10.02 -8.21
C ALA A 311 12.66 -10.53 -7.83
N ILE A 312 11.69 -10.26 -8.70
CA ILE A 312 10.33 -10.80 -8.56
C ILE A 312 10.30 -12.17 -9.23
N CYS A 313 9.97 -13.20 -8.47
CA CYS A 313 9.90 -14.55 -9.01
C CYS A 313 8.50 -15.10 -8.92
N ILE A 314 7.97 -15.58 -10.07
CA ILE A 314 6.69 -16.28 -10.09
C ILE A 314 6.93 -17.79 -9.98
N LEU A 315 6.16 -18.45 -9.11
CA LEU A 315 6.26 -19.88 -8.90
C LEU A 315 4.89 -20.52 -9.09
N ASN A 316 4.90 -21.81 -9.47
CA ASN A 316 3.71 -22.62 -9.62
C ASN A 316 3.36 -23.42 -8.38
N HIS A 317 4.13 -23.22 -7.32
CA HIS A 317 4.16 -24.14 -6.19
C HIS A 317 4.64 -23.38 -4.95
N PRO A 318 4.25 -23.87 -3.75
CA PRO A 318 4.76 -23.35 -2.48
C PRO A 318 6.28 -23.44 -2.40
N VAL A 319 6.88 -22.58 -1.58
CA VAL A 319 8.33 -22.63 -1.34
C VAL A 319 8.66 -23.95 -0.63
N PRO A 320 9.68 -24.68 -1.11
CA PRO A 320 10.10 -25.92 -0.44
C PRO A 320 10.50 -25.69 1.03
N ASN A 321 10.08 -26.62 1.88
CA ASN A 321 10.40 -26.63 3.32
C ASN A 321 9.71 -25.54 4.12
N THR A 322 8.45 -25.27 3.77
CA THR A 322 7.66 -24.22 4.42
C THR A 322 6.27 -24.71 4.76
N SER A 323 6.06 -26.03 4.63
CA SER A 323 4.77 -26.68 4.90
C SER A 323 3.65 -26.01 4.13
N ASN A 324 3.91 -25.75 2.84
CA ASN A 324 2.93 -25.13 1.94
C ASN A 324 2.35 -23.80 2.47
N ALA A 325 3.18 -23.04 3.19
CA ALA A 325 2.82 -21.72 3.71
C ALA A 325 2.32 -20.83 2.57
N ASP A 326 1.24 -20.11 2.78
CA ASP A 326 0.74 -19.21 1.74
C ASP A 326 1.50 -17.89 1.71
N SER A 327 2.29 -17.66 2.75
CA SER A 327 3.17 -16.49 2.86
C SER A 327 4.28 -16.74 3.86
N LEU A 328 5.43 -16.12 3.61
CA LEU A 328 6.52 -16.13 4.56
C LEU A 328 7.59 -15.07 4.24
N GLN A 329 8.49 -14.91 5.18
CA GLN A 329 9.68 -14.12 5.03
C GLN A 329 10.88 -15.08 5.13
N ILE A 330 11.83 -14.95 4.22
CA ILE A 330 13.11 -15.64 4.35
C ILE A 330 14.19 -14.60 4.66
N ILE A 331 15.03 -14.93 5.64
CA ILE A 331 16.18 -14.12 6.02
C ILE A 331 17.47 -14.92 5.79
N ILE A 332 18.35 -14.40 4.94
CA ILE A 332 19.67 -14.98 4.76
C ILE A 332 20.74 -14.05 5.34
N PRO A 333 21.22 -14.35 6.57
CA PRO A 333 22.25 -13.53 7.21
C PRO A 333 23.53 -13.50 6.39
N GLN A 334 24.21 -12.35 6.37
CA GLN A 334 25.37 -12.14 5.51
C GLN A 334 26.53 -13.13 5.77
N SER A 335 26.75 -13.47 7.03
CA SER A 335 27.82 -14.40 7.40
C SER A 335 27.59 -15.83 6.88
N GLN A 336 26.35 -16.16 6.59
CA GLN A 336 26.04 -17.45 5.97
C GLN A 336 26.52 -17.49 4.52
N LEU A 337 26.86 -16.33 3.96
CA LEU A 337 27.24 -16.23 2.54
C LEU A 337 28.55 -15.48 2.27
N GLY A 338 29.25 -15.06 3.32
CA GLY A 338 30.47 -14.28 3.15
C GLY A 338 30.20 -12.88 2.61
N ARG A 339 28.93 -12.50 2.66
CA ARG A 339 28.44 -11.22 2.14
C ARG A 339 28.63 -10.09 3.14
N LYS A 340 28.33 -8.86 2.72
CA LYS A 340 28.38 -7.70 3.60
C LYS A 340 26.99 -7.41 4.19
N SER A 341 25.96 -7.88 3.49
CA SER A 341 24.58 -7.67 3.92
C SER A 341 23.67 -8.85 3.64
N ASP A 342 22.59 -8.91 4.42
CA ASP A 342 21.61 -9.99 4.32
C ASP A 342 20.87 -9.96 3.00
N ILE A 343 20.34 -11.12 2.62
CA ILE A 343 19.40 -11.23 1.51
C ILE A 343 18.02 -11.56 2.11
N TYR A 344 17.00 -10.81 1.70
CA TYR A 344 15.63 -11.10 2.09
C TYR A 344 14.83 -11.72 0.95
N VAL A 345 13.83 -12.51 1.31
CA VAL A 345 12.82 -12.96 0.38
C VAL A 345 11.48 -12.75 1.04
N ALA A 346 10.56 -12.14 0.30
CA ALA A 346 9.21 -11.95 0.77
C ALA A 346 8.29 -12.71 -0.16
N ILE A 347 7.52 -13.64 0.41
CA ILE A 347 6.67 -14.55 -0.35
C ILE A 347 5.22 -14.39 0.02
N VAL A 348 4.40 -14.20 -1.01
CA VAL A 348 2.96 -14.05 -0.88
C VAL A 348 2.32 -14.87 -2.02
N SER A 349 1.00 -15.03 -1.99
CA SER A 349 0.31 -15.87 -2.99
C SER A 349 -1.12 -15.39 -3.31
N ASP A 350 -1.90 -16.28 -3.94
CA ASP A 350 -3.31 -16.01 -4.30
C ASP A 350 -4.24 -15.88 -3.10
N ALA A 351 -3.78 -16.36 -1.95
CA ALA A 351 -4.42 -16.08 -0.67
C ALA A 351 -4.48 -14.58 -0.38
N HIS A 352 -3.64 -13.80 -1.07
CA HIS A 352 -3.54 -12.37 -0.85
C HIS A 352 -4.01 -11.56 -2.06
N ASN A 353 -4.66 -12.25 -3.00
CA ASN A 353 -5.20 -11.62 -4.23
C ASN A 353 -4.14 -10.78 -4.96
N VAL A 354 -2.92 -11.31 -5.05
CA VAL A 354 -1.81 -10.59 -5.72
C VAL A 354 -1.33 -11.34 -6.98
N CYS A 355 -1.82 -12.56 -7.14
CA CYS A 355 -1.54 -13.39 -8.31
C CYS A 355 -2.72 -14.34 -8.57
N SER A 356 -2.71 -14.99 -9.74
CA SER A 356 -3.79 -15.91 -10.10
C SER A 356 -3.69 -17.22 -9.29
N LYS A 357 -4.77 -17.99 -9.30
CA LYS A 357 -4.89 -19.25 -8.54
C LYS A 357 -3.70 -20.19 -8.76
N GLY A 358 -3.08 -20.64 -7.67
CA GLY A 358 -2.00 -21.60 -7.75
C GLY A 358 -0.59 -21.03 -7.87
N HIS A 359 -0.47 -19.72 -8.09
CA HIS A 359 0.85 -19.09 -8.14
C HIS A 359 1.32 -18.53 -6.79
N TYR A 360 2.62 -18.27 -6.71
CA TYR A 360 3.27 -17.62 -5.58
C TYR A 360 4.19 -16.52 -6.11
N LEU A 361 4.28 -15.42 -5.37
CA LEU A 361 5.23 -14.36 -5.67
C LEU A 361 6.33 -14.41 -4.62
N ALA A 362 7.57 -14.53 -5.09
CA ALA A 362 8.74 -14.57 -4.23
C ALA A 362 9.70 -13.46 -4.65
N ILE A 363 9.79 -12.42 -3.82
CA ILE A 363 10.59 -11.25 -4.17
C ILE A 363 11.87 -11.22 -3.34
N ILE A 364 12.98 -11.37 -4.05
CA ILE A 364 14.29 -11.40 -3.44
C ILE A 364 14.95 -10.04 -3.57
N SER A 365 15.48 -9.54 -2.47
CA SER A 365 16.23 -8.29 -2.49
C SER A 365 17.46 -8.32 -1.59
N THR A 366 18.47 -7.55 -1.98
CA THR A 366 19.65 -7.27 -1.17
C THR A 366 20.29 -6.03 -1.71
N ILE A 367 21.24 -5.48 -0.95
CA ILE A 367 22.15 -4.43 -1.43
C ILE A 367 23.28 -5.06 -2.25
N ILE A 368 23.44 -4.57 -3.48
CA ILE A 368 24.46 -5.02 -4.43
C ILE A 368 25.87 -4.70 -3.96
N GLU A 369 26.78 -5.67 -4.09
CA GLU A 369 28.16 -5.50 -3.63
C GLU A 369 29.21 -6.05 -4.61
N THR A 370 28.75 -6.70 -5.68
CA THR A 370 29.61 -7.11 -6.78
C THR A 370 29.07 -6.55 -8.10
N ASP A 371 29.85 -6.74 -9.17
CA ASP A 371 29.49 -6.30 -10.51
C ASP A 371 28.50 -7.23 -11.20
N LYS A 372 28.20 -8.37 -10.55
CA LYS A 372 27.24 -9.34 -11.06
C LYS A 372 26.09 -9.57 -10.06
N PRO A 373 25.15 -8.60 -9.96
CA PRO A 373 24.04 -8.70 -9.00
C PRO A 373 23.24 -9.98 -9.13
N HIS A 374 23.01 -10.42 -10.38
CA HIS A 374 22.28 -11.65 -10.65
C HIS A 374 22.88 -12.85 -9.89
N ILE A 375 24.20 -12.97 -9.93
CA ILE A 375 24.91 -14.08 -9.28
C ILE A 375 24.87 -13.98 -7.75
N GLU A 376 24.88 -12.75 -7.24
CA GLU A 376 24.72 -12.51 -5.79
C GLU A 376 23.46 -13.20 -5.21
N LEU A 377 22.39 -13.22 -6.01
CA LEU A 377 21.09 -13.76 -5.60
C LEU A 377 20.93 -15.28 -5.76
N GLU A 378 21.92 -15.93 -6.37
CA GLU A 378 21.85 -17.39 -6.63
C GLU A 378 21.42 -18.22 -5.41
N PRO A 379 22.06 -18.02 -4.23
CA PRO A 379 21.64 -18.73 -3.01
C PRO A 379 20.14 -18.67 -2.73
N ALA A 380 19.52 -17.52 -2.96
CA ALA A 380 18.11 -17.30 -2.68
C ALA A 380 17.22 -17.91 -3.76
N PHE A 381 17.65 -17.80 -5.02
CA PHE A 381 17.02 -18.49 -6.16
C PHE A 381 16.85 -19.99 -5.90
N LYS A 382 17.87 -20.60 -5.30
CA LYS A 382 17.91 -22.04 -5.05
C LYS A 382 16.99 -22.52 -3.93
N LEU A 383 16.51 -21.60 -3.10
CA LEU A 383 15.57 -21.91 -2.03
C LEU A 383 14.12 -22.06 -2.50
N LEU A 384 13.83 -21.62 -3.71
CA LEU A 384 12.46 -21.44 -4.17
C LEU A 384 11.83 -22.59 -4.94
N GLY A 385 12.61 -23.59 -5.33
CA GLY A 385 12.16 -24.61 -6.28
C GLY A 385 12.19 -24.04 -7.69
N PRO A 386 11.56 -24.73 -8.66
CA PRO A 386 11.47 -24.19 -10.04
C PRO A 386 10.77 -22.83 -10.10
N ILE A 387 11.30 -21.95 -10.93
CA ILE A 387 10.79 -20.57 -11.07
C ILE A 387 10.19 -20.40 -12.46
N GLU A 388 8.92 -20.05 -12.54
CA GLU A 388 8.28 -19.77 -13.84
C GLU A 388 8.95 -18.59 -14.55
N GLU A 389 9.08 -17.47 -13.85
CA GLU A 389 9.66 -16.25 -14.43
C GLU A 389 10.33 -15.35 -13.37
N LYS A 390 11.41 -14.68 -13.79
CA LYS A 390 12.12 -13.68 -12.99
C LYS A 390 11.98 -12.28 -13.59
N PHE A 391 11.76 -11.27 -12.75
CA PHE A 391 11.76 -9.88 -13.19
C PHE A 391 12.77 -9.10 -12.37
N MET A 392 13.86 -8.67 -13.03
CA MET A 392 15.03 -8.08 -12.36
C MET A 392 15.02 -6.57 -12.44
N GLY A 393 15.16 -5.91 -11.29
CA GLY A 393 15.22 -4.47 -11.23
C GLY A 393 16.23 -3.94 -10.24
N ILE A 394 17.07 -3.01 -10.70
CA ILE A 394 18.01 -2.30 -9.84
C ILE A 394 17.50 -0.88 -9.53
N ALA A 395 17.64 -0.48 -8.27
CA ALA A 395 17.24 0.86 -7.81
C ALA A 395 18.34 1.50 -6.97
N GLU A 396 18.59 2.79 -7.18
CA GLU A 396 19.57 3.53 -6.37
C GLU A 396 18.85 4.29 -5.26
N LEU A 397 19.44 4.26 -4.06
CA LEU A 397 18.83 4.90 -2.89
C LEU A 397 19.20 6.36 -2.75
N PHE A 398 18.21 7.22 -2.87
CA PHE A 398 18.42 8.67 -2.71
C PHE A 398 17.85 9.20 -1.41
N GLU A 399 18.35 10.36 -1.00
CA GLU A 399 17.88 11.07 0.18
C GLU A 399 18.13 12.55 -0.07
N PRO A 400 17.34 13.44 0.55
CA PRO A 400 17.56 14.87 0.27
C PRO A 400 18.91 15.36 0.77
N ARG A 401 19.52 16.31 0.05
CA ARG A 401 20.71 17.01 0.53
C ARG A 401 20.43 17.86 1.78
N GLU A 402 19.28 18.55 1.78
CA GLU A 402 18.88 19.51 2.82
C GLU A 402 17.58 19.05 3.48
N ASP A 403 17.20 19.70 4.59
CA ASP A 403 15.97 19.36 5.32
C ASP A 403 14.71 20.10 4.84
N GLY A 404 14.90 21.10 3.98
CA GLY A 404 13.79 21.88 3.44
C GLY A 404 13.60 23.24 4.09
N SER A 405 14.39 23.53 5.13
CA SER A 405 14.29 24.80 5.87
C SER A 405 14.86 25.99 5.09
N LYS A 406 15.56 25.71 4.01
CA LYS A 406 16.17 26.76 3.20
C LYS A 406 15.36 27.10 1.94
N ASP A 407 14.60 26.15 1.44
CA ASP A 407 13.92 26.31 0.15
C ASP A 407 12.43 25.91 0.17
N ASN A 408 12.00 25.27 1.27
CA ASN A 408 10.63 24.77 1.41
C ASN A 408 10.31 23.61 0.46
N ILE A 409 11.32 22.76 0.26
CA ILE A 409 11.20 21.58 -0.58
C ILE A 409 11.49 20.38 0.33
N TYR A 410 10.42 19.73 0.78
CA TYR A 410 10.52 18.65 1.76
C TYR A 410 10.46 17.34 1.02
N LEU A 411 11.62 16.70 0.90
CA LEU A 411 11.76 15.49 0.10
C LEU A 411 11.82 14.25 0.96
N SER A 412 11.23 13.18 0.44
CA SER A 412 11.24 11.90 1.10
C SER A 412 12.49 11.12 0.69
N ARG A 413 12.79 10.06 1.43
CA ARG A 413 13.87 9.15 1.06
C ARG A 413 13.31 8.02 0.18
N SER A 414 14.15 7.51 -0.72
CA SER A 414 13.85 6.28 -1.45
C SER A 414 13.57 5.11 -0.51
N TYR A 415 12.70 4.22 -0.96
CA TYR A 415 12.37 3.02 -0.19
C TYR A 415 13.57 2.10 -0.12
N ASP A 416 13.98 1.80 1.11
CA ASP A 416 15.25 1.12 1.37
C ASP A 416 15.13 -0.41 1.35
N ALA A 417 16.27 -1.08 1.56
CA ALA A 417 16.37 -2.54 1.52
C ALA A 417 15.73 -3.30 2.70
N SER A 418 15.28 -2.58 3.74
CA SER A 418 14.71 -3.25 4.93
C SER A 418 13.41 -3.99 4.59
N SER A 419 13.05 -4.96 5.42
CA SER A 419 11.99 -5.90 5.09
C SER A 419 10.60 -5.40 5.47
N HIS A 420 10.56 -4.29 6.18
CA HIS A 420 9.30 -3.73 6.66
C HIS A 420 9.31 -2.20 6.57
N PHE A 421 8.23 -1.57 7.02
CA PHE A 421 7.99 -0.14 6.81
C PHE A 421 8.41 0.78 7.95
N GLU A 422 9.13 0.27 8.95
CA GLU A 422 9.52 1.11 10.10
C GLU A 422 10.34 2.32 9.68
N SER A 423 11.30 2.14 8.76
CA SER A 423 12.13 3.27 8.30
C SER A 423 11.33 4.26 7.44
N MET A 424 10.25 3.80 6.82
CA MET A 424 9.37 4.68 6.06
C MET A 424 8.59 5.60 7.00
N THR A 425 8.05 5.04 8.07
CA THR A 425 7.26 5.82 9.03
C THR A 425 8.14 6.80 9.82
N ASP A 426 9.41 6.43 10.03
CA ASP A 426 10.44 7.36 10.54
C ASP A 426 10.54 8.59 9.64
N ASP A 427 10.63 8.35 8.32
CA ASP A 427 10.69 9.44 7.32
C ASP A 427 9.47 10.35 7.44
N VAL A 428 8.28 9.75 7.41
CA VAL A 428 7.01 10.46 7.64
C VAL A 428 7.05 11.40 8.85
N LYS A 429 7.38 10.87 10.02
CA LYS A 429 7.45 11.66 11.25
C LYS A 429 8.45 12.81 11.16
N ASP A 430 9.63 12.50 10.61
CA ASP A 430 10.67 13.49 10.35
C ASP A 430 10.17 14.59 9.40
N ILE A 431 9.61 14.20 8.24
CA ILE A 431 9.09 15.18 7.27
C ILE A 431 7.95 16.03 7.86
N TYR A 432 7.03 15.39 8.60
CA TYR A 432 5.93 16.10 9.21
C TYR A 432 6.43 17.22 10.14
N PHE A 433 7.48 16.90 10.90
CA PHE A 433 8.07 17.88 11.82
C PHE A 433 8.70 19.01 11.02
N ARG A 434 9.49 18.66 10.01
CA ARG A 434 10.13 19.64 9.15
C ARG A 434 9.10 20.58 8.49
N VAL A 435 7.97 20.00 8.05
CA VAL A 435 6.91 20.75 7.36
C VAL A 435 6.06 21.62 8.30
N THR A 436 5.67 21.08 9.45
CA THR A 436 4.72 21.78 10.34
C THR A 436 5.38 22.49 11.52
N GLY A 437 6.61 22.09 11.85
CA GLY A 437 7.31 22.66 13.00
C GLY A 437 6.94 22.00 14.32
N HIS A 438 6.05 21.02 14.28
CA HIS A 438 5.62 20.29 15.48
C HIS A 438 5.59 18.79 15.25
N PRO A 439 5.85 17.99 16.31
CA PRO A 439 5.91 16.53 16.20
C PRO A 439 4.54 15.94 15.88
N LEU A 440 4.53 14.82 15.19
CA LEU A 440 3.29 14.20 14.77
C LEU A 440 2.52 13.68 15.98
N VAL A 441 1.31 14.20 16.15
CA VAL A 441 0.39 13.78 17.20
C VAL A 441 -0.79 13.06 16.55
N LEU A 442 -0.93 11.77 16.83
CA LEU A 442 -2.03 11.01 16.23
C LEU A 442 -3.35 11.24 16.96
N LYS A 443 -4.39 11.55 16.20
CA LYS A 443 -5.75 11.70 16.72
C LYS A 443 -6.51 10.39 16.62
N TYR B 10 -29.19 -8.34 8.47
CA TYR B 10 -28.97 -8.53 7.00
C TYR B 10 -28.04 -9.71 6.72
N ASP B 11 -28.32 -10.44 5.62
CA ASP B 11 -27.59 -11.66 5.28
C ASP B 11 -26.78 -11.52 4.00
N LEU B 12 -26.93 -10.38 3.33
CA LEU B 12 -26.17 -10.08 2.12
C LEU B 12 -25.72 -8.63 2.10
N LEU B 13 -24.47 -8.40 1.70
CA LEU B 13 -23.93 -7.05 1.59
C LEU B 13 -23.37 -6.80 0.19
N PHE B 14 -24.07 -5.94 -0.55
CA PHE B 14 -23.61 -5.53 -1.86
C PHE B 14 -22.88 -4.19 -1.80
N LYS B 15 -21.58 -4.22 -2.09
CA LYS B 15 -20.80 -3.00 -2.29
C LYS B 15 -21.03 -2.51 -3.71
N ILE B 16 -21.65 -1.33 -3.82
CA ILE B 16 -21.88 -0.72 -5.13
C ILE B 16 -21.24 0.67 -5.17
N VAL B 17 -20.71 1.05 -6.33
CA VAL B 17 -20.00 2.33 -6.49
C VAL B 17 -20.63 3.23 -7.56
N LEU B 18 -20.58 4.53 -7.33
CA LEU B 18 -21.08 5.52 -8.29
C LEU B 18 -19.93 6.16 -9.08
N ILE B 19 -20.07 6.21 -10.40
CA ILE B 19 -19.03 6.79 -11.26
C ILE B 19 -19.57 7.75 -12.33
N GLY B 20 -18.67 8.32 -13.13
CA GLY B 20 -19.04 9.35 -14.12
C GLY B 20 -18.51 10.72 -13.74
N ASP B 21 -18.59 11.65 -14.68
CA ASP B 21 -17.99 12.98 -14.56
C ASP B 21 -18.44 13.74 -13.31
N SER B 22 -17.59 14.67 -12.89
CA SER B 22 -17.91 15.61 -11.83
C SER B 22 -19.07 16.51 -12.27
N GLY B 23 -19.92 16.91 -11.32
CA GLY B 23 -21.00 17.85 -11.59
C GLY B 23 -22.35 17.23 -11.94
N VAL B 24 -22.30 15.99 -12.44
CA VAL B 24 -23.50 15.26 -12.84
C VAL B 24 -24.60 15.17 -11.76
N GLY B 25 -24.24 14.75 -10.56
CA GLY B 25 -25.21 14.61 -9.48
C GLY B 25 -25.05 13.37 -8.61
N LYS B 26 -23.95 12.63 -8.83
CA LYS B 26 -23.67 11.38 -8.10
C LYS B 26 -23.83 11.48 -6.59
N SER B 27 -23.32 12.57 -6.02
CA SER B 27 -23.40 12.81 -4.58
C SER B 27 -24.84 12.99 -4.11
N ASN B 28 -25.64 13.66 -4.94
CA ASN B 28 -27.04 13.90 -4.66
C ASN B 28 -27.93 12.67 -4.83
N LEU B 29 -27.67 11.89 -5.88
CA LEU B 29 -28.31 10.59 -6.07
C LEU B 29 -28.03 9.63 -4.90
N LEU B 30 -26.90 9.80 -4.24
CA LEU B 30 -26.62 9.05 -3.04
C LEU B 30 -27.47 9.55 -1.86
N SER B 31 -27.46 10.87 -1.65
CA SER B 31 -28.18 11.47 -0.53
C SER B 31 -29.71 11.41 -0.70
N ARG B 32 -30.15 11.25 -1.94
CA ARG B 32 -31.58 11.08 -2.24
C ARG B 32 -32.07 9.70 -1.86
N PHE B 33 -31.39 8.68 -2.37
CA PHE B 33 -31.79 7.29 -2.16
C PHE B 33 -31.66 6.84 -0.71
N THR B 34 -30.73 7.43 0.03
CA THR B 34 -30.43 6.99 1.40
C THR B 34 -30.93 7.93 2.50
N LYS B 35 -30.79 9.23 2.29
CA LYS B 35 -31.12 10.20 3.33
C LYS B 35 -32.28 11.11 2.91
N ASN B 36 -32.79 10.90 1.70
CA ASN B 36 -33.84 11.74 1.12
C ASN B 36 -33.57 13.23 1.34
N GLU B 37 -32.32 13.64 1.05
CA GLU B 37 -31.88 15.03 1.20
C GLU B 37 -31.33 15.55 -0.13
N PHE B 38 -31.11 16.86 -0.21
CA PHE B 38 -30.63 17.50 -1.43
C PHE B 38 -29.81 18.73 -1.13
N ASN B 39 -28.57 18.74 -1.65
CA ASN B 39 -27.64 19.86 -1.51
C ASN B 39 -27.65 20.72 -2.76
N MET B 40 -27.48 22.02 -2.59
CA MET B 40 -27.37 22.97 -3.70
C MET B 40 -26.08 23.78 -3.60
N GLY B 47 -19.26 16.38 2.26
CA GLY B 47 -19.63 15.23 1.44
C GLY B 47 -19.51 13.91 2.19
N VAL B 48 -20.32 12.93 1.77
CA VAL B 48 -20.37 11.64 2.45
C VAL B 48 -19.55 10.58 1.70
N GLU B 49 -18.74 9.87 2.49
CA GLU B 49 -17.91 8.75 2.04
C GLU B 49 -18.73 7.68 1.33
N PHE B 50 -19.71 7.14 2.06
CA PHE B 50 -20.62 6.14 1.54
C PHE B 50 -21.90 6.19 2.37
N ALA B 51 -23.01 5.79 1.78
CA ALA B 51 -24.26 5.68 2.51
C ALA B 51 -24.89 4.31 2.28
N THR B 52 -25.67 3.86 3.25
CA THR B 52 -26.28 2.53 3.19
C THR B 52 -27.80 2.57 3.16
N ARG B 53 -28.39 1.47 2.67
CA ARG B 53 -29.82 1.25 2.71
C ARG B 53 -30.10 -0.25 2.58
N THR B 54 -31.01 -0.75 3.41
CA THR B 54 -31.37 -2.16 3.42
C THR B 54 -32.70 -2.39 2.69
N LEU B 55 -32.71 -3.42 1.86
CA LEU B 55 -33.94 -3.89 1.21
C LEU B 55 -34.09 -5.39 1.45
N GLU B 56 -35.33 -5.88 1.38
CA GLU B 56 -35.59 -7.31 1.45
C GLU B 56 -35.95 -7.84 0.07
N ILE B 57 -35.31 -8.93 -0.32
CA ILE B 57 -35.56 -9.56 -1.60
C ILE B 57 -35.58 -11.07 -1.41
N GLU B 58 -36.71 -11.68 -1.76
CA GLU B 58 -36.99 -13.10 -1.48
C GLU B 58 -36.73 -13.46 -0.01
N GLY B 59 -37.22 -12.60 0.88
CA GLY B 59 -37.14 -12.83 2.32
C GLY B 59 -35.76 -12.59 2.94
N LYS B 60 -34.79 -12.20 2.11
CA LYS B 60 -33.41 -11.96 2.56
C LYS B 60 -33.13 -10.47 2.75
N ARG B 61 -32.58 -10.11 3.90
CA ARG B 61 -32.22 -8.71 4.16
C ARG B 61 -30.88 -8.35 3.51
N ILE B 62 -30.91 -7.38 2.61
CA ILE B 62 -29.75 -7.00 1.81
C ILE B 62 -29.32 -5.57 2.13
N LYS B 63 -28.12 -5.43 2.68
CA LYS B 63 -27.55 -4.10 2.88
C LYS B 63 -26.78 -3.67 1.64
N ALA B 64 -27.17 -2.52 1.11
CA ALA B 64 -26.49 -1.94 -0.04
C ALA B 64 -25.56 -0.84 0.46
N GLN B 65 -24.27 -1.05 0.24
CA GLN B 65 -23.24 -0.12 0.62
C GLN B 65 -22.82 0.65 -0.63
N ILE B 66 -23.24 1.92 -0.70
CA ILE B 66 -23.06 2.71 -1.92
C ILE B 66 -21.99 3.78 -1.72
N TRP B 67 -20.85 3.58 -2.38
CA TRP B 67 -19.69 4.44 -2.22
C TRP B 67 -19.69 5.63 -3.19
N ASP B 68 -19.19 6.76 -2.73
CA ASP B 68 -19.10 7.99 -3.50
C ASP B 68 -17.63 8.31 -3.74
N THR B 69 -17.36 9.21 -4.68
CA THR B 69 -15.99 9.41 -5.21
C THR B 69 -15.08 10.40 -4.48
N ALA B 70 -15.58 11.11 -3.46
CA ALA B 70 -14.79 12.15 -2.79
C ALA B 70 -14.16 13.17 -3.76
N GLY B 71 -14.81 13.36 -4.90
CA GLY B 71 -14.33 14.28 -5.95
C GLY B 71 -13.13 13.81 -6.74
N GLN B 72 -12.73 12.55 -6.55
CA GLN B 72 -11.52 12.00 -7.19
C GLN B 72 -11.62 11.78 -8.71
N GLU B 73 -12.84 11.79 -9.24
CA GLU B 73 -13.07 11.63 -10.68
C GLU B 73 -12.67 12.86 -11.51
N ARG B 74 -12.61 14.03 -10.87
CA ARG B 74 -12.33 15.31 -11.56
C ARG B 74 -11.10 15.26 -12.47
N TYR B 75 -10.00 14.73 -11.96
CA TYR B 75 -8.75 14.63 -12.72
C TYR B 75 -8.24 13.19 -12.70
N ARG B 76 -9.19 12.31 -12.99
CA ARG B 76 -8.94 10.87 -13.15
C ARG B 76 -8.00 10.30 -12.09
N ALA B 77 -8.44 10.42 -10.83
CA ALA B 77 -7.65 10.04 -9.67
C ALA B 77 -8.39 9.04 -8.80
N ILE B 78 -9.42 8.40 -9.35
CA ILE B 78 -10.09 7.34 -8.63
C ILE B 78 -9.11 6.18 -8.38
N THR B 79 -8.99 5.79 -7.12
CA THR B 79 -8.10 4.74 -6.71
C THR B 79 -8.64 3.40 -7.21
N SER B 80 -7.76 2.45 -7.49
CA SER B 80 -8.18 1.09 -7.86
C SER B 80 -8.90 0.44 -6.69
N ALA B 81 -8.54 0.89 -5.49
CA ALA B 81 -9.06 0.37 -4.24
C ALA B 81 -10.54 0.70 -4.05
N TYR B 82 -11.02 1.67 -4.82
CA TYR B 82 -12.41 2.10 -4.78
C TYR B 82 -13.33 1.02 -5.35
N TYR B 83 -12.81 0.26 -6.32
CA TYR B 83 -13.57 -0.80 -6.97
C TYR B 83 -13.42 -2.17 -6.28
N ARG B 84 -12.42 -2.32 -5.41
CA ARG B 84 -12.19 -3.59 -4.69
C ARG B 84 -13.48 -4.17 -4.11
N GLY B 85 -13.75 -5.44 -4.45
CA GLY B 85 -14.89 -6.17 -3.92
C GLY B 85 -16.25 -5.59 -4.21
N ALA B 86 -16.34 -4.75 -5.25
CA ALA B 86 -17.61 -4.15 -5.65
C ALA B 86 -18.36 -5.08 -6.59
N VAL B 87 -19.57 -5.48 -6.18
CA VAL B 87 -20.39 -6.41 -6.94
C VAL B 87 -21.43 -5.71 -7.83
N GLY B 88 -21.37 -4.38 -7.87
CA GLY B 88 -22.34 -3.57 -8.64
C GLY B 88 -21.93 -2.12 -8.78
N ALA B 89 -22.40 -1.46 -9.84
CA ALA B 89 -21.97 -0.08 -10.14
C ALA B 89 -22.94 0.71 -11.02
N LEU B 90 -22.99 2.02 -10.81
CA LEU B 90 -23.80 2.93 -11.61
C LEU B 90 -22.96 4.03 -12.27
N ILE B 91 -23.13 4.18 -13.59
CA ILE B 91 -22.50 5.26 -14.37
C ILE B 91 -23.50 6.39 -14.59
N VAL B 92 -23.09 7.62 -14.29
CA VAL B 92 -24.02 8.75 -14.24
C VAL B 92 -23.61 9.89 -15.19
N TYR B 93 -24.51 10.23 -16.11
CA TYR B 93 -24.31 11.36 -17.02
C TYR B 93 -25.30 12.49 -16.73
N ASP B 94 -25.03 13.66 -17.31
CA ASP B 94 -25.85 14.86 -17.08
C ASP B 94 -26.78 15.11 -18.26
N SER B 96 -28.34 17.36 -20.27
CA SER B 96 -27.92 18.75 -20.14
C SER B 96 -26.48 18.98 -20.59
N LYS B 97 -25.67 17.93 -20.57
CA LYS B 97 -24.27 17.99 -21.03
C LYS B 97 -23.89 16.70 -21.73
N SER B 98 -23.85 16.74 -23.06
CA SER B 98 -23.46 15.58 -23.89
C SER B 98 -22.01 15.16 -23.64
N SER B 99 -21.21 16.08 -23.10
CA SER B 99 -19.83 15.81 -22.70
C SER B 99 -19.75 14.61 -21.77
N SER B 100 -20.54 14.65 -20.69
CA SER B 100 -20.60 13.57 -19.70
C SER B 100 -21.12 12.29 -20.33
N TYR B 101 -22.14 12.43 -21.17
CA TYR B 101 -22.72 11.32 -21.91
C TYR B 101 -21.69 10.58 -22.75
N GLU B 102 -20.87 11.32 -23.50
CA GLU B 102 -19.80 10.72 -24.30
C GLU B 102 -18.73 10.11 -23.40
N ASN B 103 -18.47 10.77 -22.27
CA ASN B 103 -17.51 10.29 -21.28
C ASN B 103 -17.91 9.00 -20.55
N CYS B 104 -19.19 8.64 -20.62
CA CYS B 104 -19.69 7.37 -20.07
C CYS B 104 -19.00 6.17 -20.71
N ASN B 105 -18.48 6.36 -21.92
CA ASN B 105 -17.66 5.36 -22.60
C ASN B 105 -16.39 5.07 -21.80
N HIS B 106 -15.81 6.13 -21.25
CA HIS B 106 -14.55 6.04 -20.51
C HIS B 106 -14.68 5.22 -19.22
N TRP B 107 -15.74 5.52 -18.45
CA TRP B 107 -15.95 4.89 -17.13
C TRP B 107 -16.30 3.41 -17.21
N LEU B 108 -16.95 3.01 -18.30
CA LEU B 108 -17.19 1.60 -18.59
C LEU B 108 -15.88 0.82 -18.67
N SER B 109 -14.92 1.37 -19.39
CA SER B 109 -13.61 0.77 -19.60
C SER B 109 -12.82 0.74 -18.30
N GLU B 110 -12.94 1.81 -17.52
CA GLU B 110 -12.31 1.92 -16.20
C GLU B 110 -12.79 0.82 -15.26
N LEU B 111 -14.09 0.59 -15.25
CA LEU B 111 -14.76 -0.26 -14.28
C LEU B 111 -14.52 -1.75 -14.49
N ARG B 112 -14.70 -2.22 -15.72
CA ARG B 112 -14.45 -3.63 -16.06
C ARG B 112 -12.99 -4.06 -15.91
N GLU B 113 -12.09 -3.07 -15.79
CA GLU B 113 -10.68 -3.32 -15.55
C GLU B 113 -10.41 -3.54 -14.06
N ASN B 114 -11.06 -2.75 -13.22
CA ASN B 114 -10.78 -2.72 -11.78
C ASN B 114 -11.72 -3.55 -10.89
N ALA B 115 -12.98 -3.69 -11.29
CA ALA B 115 -13.97 -4.45 -10.53
C ALA B 115 -13.84 -5.96 -10.72
N ASP B 116 -14.98 -6.67 -10.76
CA ASP B 116 -14.97 -8.13 -10.90
C ASP B 116 -15.50 -8.58 -12.26
N VAL B 119 -19.58 -8.24 -11.10
CA VAL B 119 -20.14 -6.89 -11.13
C VAL B 119 -21.34 -6.78 -12.09
N ALA B 120 -22.33 -5.98 -11.69
CA ALA B 120 -23.50 -5.68 -12.52
C ALA B 120 -23.66 -4.16 -12.67
N VAL B 121 -23.84 -3.71 -13.90
CA VAL B 121 -23.76 -2.27 -14.21
C VAL B 121 -25.08 -1.69 -14.75
N GLY B 122 -25.38 -0.46 -14.35
CA GLY B 122 -26.53 0.28 -14.84
C GLY B 122 -26.21 1.73 -15.14
N LEU B 123 -26.93 2.31 -16.09
CA LEU B 123 -26.69 3.69 -16.54
C LEU B 123 -27.87 4.60 -16.21
N ILE B 124 -27.57 5.81 -15.76
CA ILE B 124 -28.61 6.78 -15.39
C ILE B 124 -28.37 8.18 -15.96
N GLY B 125 -29.44 8.80 -16.46
CA GLY B 125 -29.38 10.16 -16.98
C GLY B 125 -30.00 11.15 -16.01
N ASN B 126 -29.18 11.64 -15.09
CA ASN B 126 -29.64 12.53 -14.04
C ASN B 126 -30.02 13.94 -14.53
N LYS B 127 -30.70 14.70 -13.67
CA LYS B 127 -31.15 16.07 -13.94
C LYS B 127 -32.24 16.14 -15.02
N SER B 128 -33.14 15.15 -15.02
CA SER B 128 -34.25 15.10 -15.98
C SER B 128 -35.29 16.17 -15.70
N ASP B 129 -35.25 16.74 -14.49
CA ASP B 129 -36.14 17.83 -14.09
C ASP B 129 -35.91 19.12 -14.88
N LEU B 130 -34.69 19.26 -15.43
CA LEU B 130 -34.33 20.38 -16.27
C LEU B 130 -34.39 19.97 -17.74
N ALA B 131 -35.54 19.40 -18.12
CA ALA B 131 -35.76 18.90 -19.47
C ALA B 131 -35.88 20.02 -20.52
N HIS B 132 -36.03 21.26 -20.05
CA HIS B 132 -36.11 22.43 -20.93
C HIS B 132 -34.73 22.93 -21.39
N LEU B 133 -33.69 22.20 -21.01
CA LEU B 133 -32.32 22.49 -21.43
C LEU B 133 -31.59 21.21 -21.88
N ARG B 134 -32.35 20.26 -22.43
CA ARG B 134 -31.84 18.95 -22.82
C ARG B 134 -30.81 19.00 -23.96
N ALA B 135 -29.70 18.30 -23.76
CA ALA B 135 -28.70 18.07 -24.81
C ALA B 135 -28.54 16.56 -24.98
N VAL B 136 -28.81 16.09 -26.20
CA VAL B 136 -28.85 14.66 -26.55
C VAL B 136 -30.02 13.94 -25.86
N PRO B 137 -30.98 13.44 -26.67
CA PRO B 137 -32.27 12.92 -26.20
C PRO B 137 -32.23 11.54 -25.55
N THR B 138 -33.38 11.12 -25.01
CA THR B 138 -33.58 9.83 -24.35
C THR B 138 -33.40 8.65 -25.31
N GLU B 139 -33.79 8.87 -26.57
CA GLU B 139 -33.70 7.89 -27.66
C GLU B 139 -32.33 7.20 -27.73
N GLU B 140 -31.27 8.00 -27.69
CA GLU B 140 -29.89 7.53 -27.88
C GLU B 140 -29.39 6.82 -26.63
N SER B 141 -29.74 7.36 -25.47
CA SER B 141 -29.32 6.84 -24.17
C SER B 141 -29.84 5.42 -23.92
N LYS B 142 -31.05 5.14 -24.41
CA LYS B 142 -31.64 3.81 -24.33
C LYS B 142 -30.90 2.85 -25.27
N THR B 143 -30.67 3.29 -26.51
CA THR B 143 -29.93 2.52 -27.50
C THR B 143 -28.51 2.22 -27.02
N PHE B 144 -27.86 3.25 -26.46
CA PHE B 144 -26.53 3.15 -25.88
C PHE B 144 -26.47 2.09 -24.77
N ALA B 145 -27.50 2.06 -23.95
CA ALA B 145 -27.60 1.11 -22.84
C ALA B 145 -27.94 -0.31 -23.30
N GLN B 146 -28.90 -0.42 -24.22
CA GLN B 146 -29.43 -1.71 -24.68
C GLN B 146 -28.36 -2.62 -25.26
N GLU B 147 -27.49 -2.07 -26.11
CA GLU B 147 -26.40 -2.84 -26.72
C GLU B 147 -25.32 -3.20 -25.70
N ASN B 148 -24.94 -2.23 -24.88
CA ASN B 148 -23.84 -2.41 -23.92
C ASN B 148 -24.18 -3.23 -22.67
N GLN B 149 -25.27 -4.00 -22.75
CA GLN B 149 -25.67 -4.96 -21.70
C GLN B 149 -26.02 -4.37 -20.33
N LEU B 150 -25.98 -3.04 -20.22
CA LEU B 150 -26.29 -2.37 -18.95
C LEU B 150 -27.66 -1.68 -19.02
N LEU B 151 -28.40 -1.75 -17.92
CA LEU B 151 -29.77 -1.19 -17.85
C LEU B 151 -29.76 0.34 -17.84
N PHE B 152 -30.90 0.93 -18.21
CA PHE B 152 -31.05 2.39 -18.26
C PHE B 152 -32.19 2.90 -17.36
N THR B 153 -32.02 4.10 -16.82
CA THR B 153 -33.07 4.78 -16.04
C THR B 153 -32.81 6.29 -16.01
N GLU B 154 -33.65 7.07 -16.67
CA GLU B 154 -33.53 8.53 -16.62
C GLU B 154 -34.04 9.03 -15.26
N THR B 155 -33.16 9.67 -14.50
CA THR B 155 -33.45 10.06 -13.12
C THR B 155 -33.43 11.56 -12.92
N SER B 156 -33.87 12.00 -11.75
CA SER B 156 -33.69 13.37 -11.28
C SER B 156 -33.52 13.36 -9.76
N ALA B 157 -32.45 13.98 -9.28
CA ALA B 157 -32.21 14.05 -7.84
C ALA B 157 -33.02 15.16 -7.17
N LEU B 158 -33.70 15.98 -7.97
CA LEU B 158 -34.54 17.05 -7.47
C LEU B 158 -35.99 16.59 -7.33
N SER B 160 -40.47 13.33 -11.45
CA SER B 160 -39.20 13.22 -12.16
C SER B 160 -38.31 12.11 -11.60
N GLU B 161 -38.17 12.09 -10.27
CA GLU B 161 -37.28 11.16 -9.56
C GLU B 161 -37.49 9.69 -9.92
N ASN B 162 -36.53 9.13 -10.64
CA ASN B 162 -36.44 7.68 -10.82
C ASN B 162 -35.33 7.11 -9.93
N VAL B 163 -35.01 7.86 -8.87
CA VAL B 163 -33.87 7.57 -8.00
C VAL B 163 -34.00 6.19 -7.36
N ASP B 164 -35.07 6.01 -6.58
CA ASP B 164 -35.30 4.80 -5.82
C ASP B 164 -35.47 3.57 -6.72
N LYS B 165 -36.13 3.77 -7.85
CA LYS B 165 -36.35 2.72 -8.84
C LYS B 165 -35.00 2.21 -9.38
N ALA B 166 -34.13 3.15 -9.75
CA ALA B 166 -32.84 2.86 -10.36
C ALA B 166 -31.95 2.00 -9.47
N PHE B 167 -31.73 2.48 -8.24
CA PHE B 167 -30.93 1.76 -7.25
C PHE B 167 -31.48 0.37 -6.97
N GLU B 168 -32.79 0.29 -6.69
CA GLU B 168 -33.46 -0.97 -6.37
C GLU B 168 -33.42 -1.96 -7.53
N GLU B 169 -33.69 -1.47 -8.75
CA GLU B 169 -33.60 -2.30 -9.95
C GLU B 169 -32.22 -2.96 -10.08
N LEU B 170 -31.17 -2.19 -9.77
CA LEU B 170 -29.79 -2.69 -9.76
C LEU B 170 -29.58 -3.74 -8.68
N ILE B 171 -30.14 -3.51 -7.49
CA ILE B 171 -30.00 -4.41 -6.34
C ILE B 171 -30.69 -5.76 -6.58
N ASN B 172 -31.91 -5.72 -7.14
CA ASN B 172 -32.61 -6.93 -7.59
C ASN B 172 -31.71 -7.80 -8.47
N THR B 173 -31.05 -7.17 -9.44
CA THR B 173 -30.20 -7.84 -10.43
C THR B 173 -28.95 -8.48 -9.81
N ILE B 174 -28.34 -7.81 -8.83
CA ILE B 174 -27.17 -8.37 -8.13
C ILE B 174 -27.55 -9.61 -7.31
N TYR B 175 -28.78 -9.62 -6.81
CA TYR B 175 -29.28 -10.73 -5.98
C TYR B 175 -29.27 -12.09 -6.70
N GLN B 176 -29.29 -12.07 -8.03
CA GLN B 176 -29.29 -13.31 -8.82
C GLN B 176 -27.90 -13.94 -8.92
N LYS B 177 -26.86 -13.14 -8.69
CA LYS B 177 -25.46 -13.58 -8.83
C LYS B 177 -25.05 -14.67 -7.85
N VAL B 178 -25.60 -14.64 -6.64
CA VAL B 178 -25.21 -15.57 -5.58
C VAL B 178 -26.29 -16.63 -5.34
N PRO B 203 -9.62 -15.87 5.53
CA PRO B 203 -9.72 -15.27 6.86
C PRO B 203 -8.79 -14.06 7.04
N THR B 204 -9.32 -12.88 6.75
CA THR B 204 -8.62 -11.62 7.03
C THR B 204 -8.63 -11.36 8.53
N ILE B 205 -7.77 -10.45 8.99
CA ILE B 205 -7.66 -10.13 10.42
C ILE B 205 -7.99 -8.66 10.67
N SER B 206 -8.63 -8.38 11.81
CA SER B 206 -8.95 -7.02 12.20
C SER B 206 -7.76 -6.44 12.94
N LEU B 207 -7.53 -5.14 12.76
CA LEU B 207 -6.46 -4.47 13.49
C LEU B 207 -7.02 -3.76 14.73
#